data_2QTR
#
_entry.id   2QTR
#
_cell.length_a   49.337
_cell.length_b   158.227
_cell.length_c   164.088
_cell.angle_alpha   90.000
_cell.angle_beta   90.000
_cell.angle_gamma   90.000
#
_symmetry.space_group_name_H-M   'C 2 2 21'
#
loop_
_entity.id
_entity.type
_entity.pdbx_description
1 polymer 'Probable nicotinate-nucleotide adenylyltransferase'
2 non-polymer 'SULFATE ION'
3 non-polymer 'NICOTINIC ACID ADENINE DINUCLEOTIDE'
4 water water
#
_entity_poly.entity_id   1
_entity_poly.type   'polypeptide(L)'
_entity_poly.pdbx_seq_one_letter_code
;MRKIGIIGGTFDPPHYGHLLIANEVYHALNLEEVWFLPNQIPPHKQGRNITSVESRLQMLELATEAEEHFSICLEELSRK
GPSYTYDTMLQLTKKYPDVQFHFIIGGDMVEYLPKWYNIEALLDLVTFVGVARPGYKLRTPYPITTVEIPEFAVSSSLLR
ERYKEKKTCKYLLPEKVQVYIERNGLYES
;
_entity_poly.pdbx_strand_id   A,B,C
#
# COMPACT_ATOMS: atom_id res chain seq x y z
N MET A 1 -3.73 -13.57 -31.89
CA MET A 1 -2.46 -12.81 -31.75
C MET A 1 -2.58 -11.71 -30.70
N ARG A 2 -2.78 -12.12 -29.44
CA ARG A 2 -2.90 -11.20 -28.30
C ARG A 2 -4.13 -10.30 -28.40
N LYS A 3 -5.31 -10.87 -28.13
CA LYS A 3 -6.57 -10.12 -28.17
C LYS A 3 -6.86 -9.44 -26.82
N ILE A 4 -6.93 -8.12 -26.83
CA ILE A 4 -7.22 -7.38 -25.61
C ILE A 4 -8.43 -6.47 -25.81
N GLY A 5 -9.30 -6.43 -24.81
CA GLY A 5 -10.48 -5.59 -24.92
C GLY A 5 -10.24 -4.31 -24.13
N ILE A 6 -10.81 -3.20 -24.59
CA ILE A 6 -10.68 -1.93 -23.89
C ILE A 6 -12.07 -1.33 -23.75
N ILE A 7 -12.47 -0.98 -22.55
CA ILE A 7 -13.76 -0.32 -22.35
C ILE A 7 -13.44 1.07 -21.80
N GLY A 8 -13.63 2.08 -22.65
CA GLY A 8 -13.35 3.44 -22.23
C GLY A 8 -14.59 4.02 -21.59
N GLY A 9 -14.40 4.97 -20.68
CA GLY A 9 -15.56 5.57 -20.07
C GLY A 9 -15.15 6.63 -19.08
N THR A 10 -16.15 7.32 -18.54
CA THR A 10 -15.91 8.34 -17.54
C THR A 10 -16.01 7.62 -16.19
N PHE A 11 -16.90 6.62 -16.10
CA PHE A 11 -17.09 5.81 -14.87
C PHE A 11 -17.42 6.73 -13.69
N ASP A 12 -18.58 7.38 -13.77
CA ASP A 12 -19.00 8.37 -12.78
C ASP A 12 -20.45 8.25 -12.37
N PRO A 13 -20.82 7.18 -11.64
CA PRO A 13 -19.95 6.10 -11.18
C PRO A 13 -19.90 4.83 -12.03
N PRO A 14 -18.87 3.99 -11.81
CA PRO A 14 -18.76 2.73 -12.55
C PRO A 14 -19.88 1.86 -11.94
N HIS A 15 -20.53 1.02 -12.73
CA HIS A 15 -21.62 0.21 -12.21
C HIS A 15 -21.62 -1.20 -12.82
N TYR A 16 -22.64 -1.99 -12.50
CA TYR A 16 -22.67 -3.35 -13.01
C TYR A 16 -22.80 -3.48 -14.52
N GLY A 17 -23.27 -2.42 -15.18
CA GLY A 17 -23.36 -2.47 -16.64
C GLY A 17 -21.97 -2.56 -17.23
N HIS A 18 -21.02 -1.79 -16.67
CA HIS A 18 -19.66 -1.80 -17.16
C HIS A 18 -19.01 -3.16 -16.96
N LEU A 19 -19.20 -3.73 -15.77
CA LEU A 19 -18.62 -5.02 -15.42
C LEU A 19 -19.25 -6.13 -16.25
N LEU A 20 -20.57 -6.03 -16.45
N LEU A 20 -20.56 -6.04 -16.45
CA LEU A 20 -21.31 -7.02 -17.22
CA LEU A 20 -21.28 -7.05 -17.23
C LEU A 20 -20.77 -7.09 -18.65
C LEU A 20 -20.74 -7.10 -18.66
CA ILE A 21 -20.30 -5.96 -20.76
C ILE A 21 -18.83 -6.38 -20.87
N ALA A 22 -18.02 -5.98 -19.89
CA ALA A 22 -16.61 -6.35 -19.91
C ALA A 22 -16.47 -7.87 -19.80
N ASN A 23 -17.22 -8.48 -18.89
CA ASN A 23 -17.15 -9.94 -18.71
C ASN A 23 -17.70 -10.67 -19.93
N GLU A 24 -18.86 -10.25 -20.41
CA GLU A 24 -19.51 -10.88 -21.58
C GLU A 24 -18.64 -10.89 -22.80
N VAL A 25 -18.00 -9.75 -23.09
CA VAL A 25 -17.14 -9.66 -24.25
C VAL A 25 -15.84 -10.44 -24.03
N TYR A 26 -15.32 -10.42 -22.81
CA TYR A 26 -14.11 -11.15 -22.48
C TYR A 26 -14.34 -12.62 -22.86
N HIS A 27 -15.46 -13.18 -22.43
CA HIS A 27 -15.79 -14.58 -22.73
C HIS A 27 -16.20 -14.84 -24.18
N ALA A 28 -17.06 -14.00 -24.73
CA ALA A 28 -17.52 -14.19 -26.10
C ALA A 28 -16.39 -14.18 -27.14
N LEU A 29 -15.41 -13.31 -26.97
CA LEU A 29 -14.33 -13.19 -27.93
C LEU A 29 -13.02 -13.81 -27.51
N ASN A 30 -13.03 -14.51 -26.38
CA ASN A 30 -11.84 -15.18 -25.84
C ASN A 30 -10.68 -14.21 -25.79
N LEU A 31 -10.88 -13.13 -25.05
CA LEU A 31 -9.85 -12.12 -24.93
C LEU A 31 -8.90 -12.56 -23.82
N GLU A 32 -7.70 -12.01 -23.84
CA GLU A 32 -6.70 -12.31 -22.84
C GLU A 32 -7.11 -11.59 -21.56
N GLU A 33 -7.64 -10.39 -21.72
CA GLU A 33 -8.07 -9.58 -20.59
C GLU A 33 -8.76 -8.32 -21.09
N VAL A 34 -9.28 -7.54 -20.16
CA VAL A 34 -9.95 -6.29 -20.51
C VAL A 34 -9.38 -5.11 -19.72
N TRP A 35 -9.03 -4.04 -20.43
CA TRP A 35 -8.49 -2.86 -19.77
C TRP A 35 -9.58 -1.80 -19.71
N PHE A 36 -9.80 -1.26 -18.52
CA PHE A 36 -10.77 -0.17 -18.31
C PHE A 36 -9.94 1.11 -18.48
N LEU A 37 -10.40 1.97 -19.39
CA LEU A 37 -9.69 3.20 -19.73
C LEU A 37 -10.48 4.43 -19.31
N PRO A 38 -10.22 4.97 -18.11
CA PRO A 38 -10.96 6.15 -17.66
C PRO A 38 -10.44 7.38 -18.39
N ASN A 39 -11.32 8.25 -18.86
CA ASN A 39 -10.84 9.44 -19.54
C ASN A 39 -10.53 10.53 -18.51
N GLN A 40 -9.76 11.53 -18.91
CA GLN A 40 -9.47 12.62 -18.00
C GLN A 40 -10.55 13.66 -18.21
N ILE A 41 -10.72 14.06 -19.47
CA ILE A 41 -11.81 14.98 -19.83
C ILE A 41 -12.59 14.24 -20.93
N PRO A 42 -13.85 13.86 -20.67
CA PRO A 42 -14.64 13.16 -21.69
C PRO A 42 -14.58 14.05 -22.94
N PRO A 43 -14.19 13.50 -24.09
CA PRO A 43 -14.08 14.33 -25.29
C PRO A 43 -15.35 14.94 -25.85
N HIS A 44 -16.48 14.33 -25.52
CA HIS A 44 -17.78 14.79 -26.00
C HIS A 44 -18.62 15.43 -24.90
N LYS A 45 -18.02 15.62 -23.73
CA LYS A 45 -18.69 16.27 -22.61
C LYS A 45 -17.70 17.20 -21.90
N GLN A 46 -16.94 17.92 -22.71
CA GLN A 46 -15.94 18.83 -22.19
C GLN A 46 -16.50 19.92 -21.30
N GLY A 47 -17.77 20.29 -21.48
CA GLY A 47 -18.34 21.32 -20.64
C GLY A 47 -19.09 20.84 -19.41
N ARG A 48 -19.17 19.53 -19.23
CA ARG A 48 -19.89 18.96 -18.11
C ARG A 48 -19.04 18.95 -16.83
N ASN A 49 -19.66 19.31 -15.70
CA ASN A 49 -18.97 19.29 -14.42
C ASN A 49 -19.07 17.86 -13.93
N ILE A 50 -17.94 17.17 -13.85
CA ILE A 50 -17.95 15.77 -13.40
C ILE A 50 -17.04 15.52 -12.20
N THR A 51 -17.22 14.37 -11.57
CA THR A 51 -16.41 14.00 -10.42
C THR A 51 -14.93 14.02 -10.76
N SER A 52 -14.12 14.44 -9.80
CA SER A 52 -12.68 14.51 -9.97
C SER A 52 -12.04 13.18 -10.39
N VAL A 53 -10.91 13.27 -11.09
CA VAL A 53 -10.15 12.11 -11.58
C VAL A 53 -9.80 11.19 -10.41
N GLU A 54 -9.38 11.78 -9.29
CA GLU A 54 -9.02 11.00 -8.12
C GLU A 54 -10.17 10.15 -7.59
N SER A 55 -11.35 10.73 -7.52
N SER A 55 -11.36 10.72 -7.49
CA SER A 55 -12.56 10.06 -7.04
CA SER A 55 -12.49 9.94 -7.02
C SER A 55 -13.10 9.03 -8.03
C SER A 55 -12.89 8.90 -8.06
N ARG A 56 -12.98 9.33 -9.33
CA ARG A 56 -13.42 8.40 -10.37
C ARG A 56 -12.49 7.19 -10.44
N LEU A 57 -11.19 7.44 -10.36
CA LEU A 57 -10.22 6.35 -10.42
C LEU A 57 -10.37 5.45 -9.20
N GLN A 58 -10.61 6.04 -8.02
CA GLN A 58 -10.78 5.23 -6.82
C GLN A 58 -12.00 4.33 -6.96
N MET A 59 -13.10 4.89 -7.45
CA MET A 59 -14.32 4.11 -7.63
C MET A 59 -14.08 2.98 -8.62
N LEU A 60 -13.34 3.28 -9.69
CA LEU A 60 -13.05 2.27 -10.71
C LEU A 60 -12.19 1.14 -10.11
N GLU A 61 -11.17 1.52 -9.32
CA GLU A 61 -10.31 0.52 -8.69
C GLU A 61 -11.12 -0.40 -7.82
N LEU A 62 -12.06 0.17 -7.06
CA LEU A 62 -12.93 -0.59 -6.16
C LEU A 62 -13.89 -1.50 -6.93
N ALA A 63 -14.29 -1.06 -8.12
CA ALA A 63 -15.20 -1.85 -8.94
C ALA A 63 -14.50 -3.03 -9.59
N THR A 64 -13.23 -2.87 -9.91
CA THR A 64 -12.47 -3.90 -10.59
C THR A 64 -11.45 -4.63 -9.72
N GLU A 65 -11.49 -4.37 -8.42
CA GLU A 65 -10.55 -4.96 -7.45
C GLU A 65 -10.32 -6.47 -7.49
N ALA A 66 -11.35 -7.24 -7.17
CA ALA A 66 -11.22 -8.69 -7.14
C ALA A 66 -11.53 -9.39 -8.46
N GLU A 67 -11.46 -8.64 -9.56
CA GLU A 67 -11.73 -9.22 -10.87
C GLU A 67 -10.38 -9.37 -11.56
N GLU A 68 -9.84 -10.59 -11.54
CA GLU A 68 -8.52 -10.86 -12.12
C GLU A 68 -8.35 -10.65 -13.62
N HIS A 69 -9.45 -10.63 -14.38
CA HIS A 69 -9.33 -10.44 -15.82
C HIS A 69 -9.45 -8.96 -16.19
N PHE A 70 -9.66 -8.12 -15.19
CA PHE A 70 -9.82 -6.68 -15.42
C PHE A 70 -8.67 -5.89 -14.85
N SER A 71 -8.23 -4.86 -15.57
CA SER A 71 -7.18 -3.99 -15.10
C SER A 71 -7.47 -2.59 -15.62
N ILE A 72 -6.70 -1.62 -15.15
CA ILE A 72 -6.91 -0.24 -15.54
C ILE A 72 -5.77 0.32 -16.35
N CYS A 73 -6.11 0.99 -17.45
CA CYS A 73 -5.12 1.64 -18.31
C CYS A 73 -5.21 3.14 -17.98
N LEU A 74 -4.09 3.70 -17.49
CA LEU A 74 -4.03 5.10 -17.10
C LEU A 74 -3.50 6.02 -18.19
N GLU A 75 -3.53 5.55 -19.42
CA GLU A 75 -3.02 6.33 -20.55
C GLU A 75 -3.60 7.73 -20.70
N GLU A 76 -4.92 7.86 -20.59
CA GLU A 76 -5.53 9.18 -20.73
C GLU A 76 -5.34 10.09 -19.53
N LEU A 77 -5.19 9.51 -18.34
CA LEU A 77 -5.00 10.31 -17.15
C LEU A 77 -3.58 10.86 -17.10
N SER A 78 -2.74 10.40 -18.03
CA SER A 78 -1.32 10.80 -18.14
C SER A 78 -1.03 11.89 -19.16
N ARG A 79 -2.07 12.47 -19.75
CA ARG A 79 -1.87 13.55 -20.70
C ARG A 79 -2.98 14.58 -20.54
N LYS A 80 -2.66 15.84 -20.83
CA LYS A 80 -3.59 16.94 -20.68
C LYS A 80 -4.62 17.05 -21.81
N GLY A 81 -5.71 17.75 -21.52
CA GLY A 81 -6.73 17.99 -22.51
C GLY A 81 -7.81 16.95 -22.73
N PRO A 82 -8.69 17.19 -23.71
CA PRO A 82 -9.77 16.23 -23.99
C PRO A 82 -9.19 14.87 -24.37
N SER A 83 -9.78 13.83 -23.81
CA SER A 83 -9.28 12.47 -24.05
C SER A 83 -9.92 11.83 -25.31
N TYR A 84 -9.48 12.24 -26.50
CA TYR A 84 -10.00 11.67 -27.74
C TYR A 84 -9.45 10.26 -27.87
N THR A 85 -10.32 9.32 -28.25
CA THR A 85 -9.93 7.93 -28.37
C THR A 85 -8.88 7.68 -29.44
N TYR A 86 -8.94 8.41 -30.55
CA TYR A 86 -7.96 8.21 -31.60
C TYR A 86 -6.53 8.40 -31.09
N ASP A 87 -6.31 9.50 -30.36
CA ASP A 87 -4.98 9.78 -29.84
C ASP A 87 -4.52 8.71 -28.88
N THR A 88 -5.43 8.24 -28.04
CA THR A 88 -5.12 7.20 -27.07
C THR A 88 -4.71 5.92 -27.78
N MET A 89 -5.51 5.51 -28.77
CA MET A 89 -5.21 4.28 -29.49
C MET A 89 -3.99 4.35 -30.41
N LEU A 90 -3.64 5.54 -30.90
CA LEU A 90 -2.47 5.64 -31.75
C LEU A 90 -1.27 5.30 -30.87
N GLN A 91 -1.27 5.85 -29.65
CA GLN A 91 -0.17 5.61 -28.74
C GLN A 91 -0.13 4.18 -28.23
N LEU A 92 -1.30 3.61 -27.91
CA LEU A 92 -1.38 2.24 -27.39
C LEU A 92 -0.94 1.23 -28.43
N THR A 93 -1.27 1.51 -29.69
CA THR A 93 -0.91 0.65 -30.78
C THR A 93 0.59 0.65 -30.99
N LYS A 94 1.23 1.79 -30.74
CA LYS A 94 2.67 1.89 -30.89
C LYS A 94 3.38 1.22 -29.71
N LYS A 95 2.78 1.32 -28.52
CA LYS A 95 3.37 0.71 -27.34
C LYS A 95 3.16 -0.81 -27.28
N TYR A 96 2.11 -1.31 -27.94
CA TYR A 96 1.80 -2.75 -27.94
C TYR A 96 1.51 -3.21 -29.36
N PRO A 97 2.55 -3.25 -30.21
CA PRO A 97 2.46 -3.67 -31.61
C PRO A 97 1.91 -5.06 -31.95
N ASP A 98 1.93 -5.99 -31.00
CA ASP A 98 1.40 -7.31 -31.31
C ASP A 98 0.04 -7.56 -30.66
N VAL A 99 -0.60 -6.47 -30.25
CA VAL A 99 -1.91 -6.54 -29.61
C VAL A 99 -3.02 -6.05 -30.55
N GLN A 100 -4.08 -6.85 -30.66
CA GLN A 100 -5.23 -6.54 -31.49
C GLN A 100 -6.29 -6.02 -30.52
N PHE A 101 -6.54 -4.71 -30.54
CA PHE A 101 -7.49 -4.12 -29.61
C PHE A 101 -8.95 -4.22 -30.03
N HIS A 102 -9.80 -4.52 -29.07
CA HIS A 102 -11.22 -4.61 -29.31
C HIS A 102 -11.82 -3.56 -28.38
N PHE A 103 -12.29 -2.47 -28.96
CA PHE A 103 -12.87 -1.36 -28.19
C PHE A 103 -14.35 -1.60 -27.97
N ILE A 104 -14.70 -1.84 -26.72
CA ILE A 104 -16.06 -2.13 -26.32
C ILE A 104 -16.91 -0.89 -26.06
N ILE A 105 -18.01 -0.77 -26.80
CA ILE A 105 -18.92 0.36 -26.62
C ILE A 105 -20.37 -0.10 -26.53
N GLY A 106 -21.17 0.63 -25.75
CA GLY A 106 -22.58 0.31 -25.61
C GLY A 106 -23.39 0.90 -26.76
N GLY A 107 -24.65 0.49 -26.86
CA GLY A 107 -25.53 0.95 -27.93
C GLY A 107 -25.53 2.45 -28.13
N ASP A 108 -25.55 3.23 -27.05
CA ASP A 108 -25.54 4.67 -27.21
C ASP A 108 -24.29 5.19 -27.93
N MET A 109 -23.12 4.64 -27.61
CA MET A 109 -21.90 5.08 -28.27
C MET A 109 -21.84 4.57 -29.69
N VAL A 110 -22.43 3.42 -29.94
CA VAL A 110 -22.44 2.90 -31.31
C VAL A 110 -23.10 3.92 -32.23
N GLU A 111 -24.19 4.52 -31.77
CA GLU A 111 -24.89 5.49 -32.59
C GLU A 111 -24.16 6.83 -32.68
N TYR A 112 -23.30 7.08 -31.70
CA TYR A 112 -22.53 8.32 -31.61
C TYR A 112 -21.25 8.32 -32.47
N LEU A 113 -20.82 7.14 -32.93
CA LEU A 113 -19.59 7.03 -33.70
C LEU A 113 -19.29 8.07 -34.80
N PRO A 114 -20.30 8.52 -35.56
CA PRO A 114 -19.96 9.51 -36.59
C PRO A 114 -19.44 10.84 -36.01
N LYS A 115 -19.74 11.07 -34.73
CA LYS A 115 -19.29 12.30 -34.05
C LYS A 115 -17.86 12.14 -33.50
N TRP A 116 -17.33 10.91 -33.48
CA TRP A 116 -15.97 10.67 -32.94
C TRP A 116 -14.83 11.25 -33.77
N TYR A 117 -13.87 11.88 -33.09
CA TYR A 117 -12.70 12.45 -33.75
C TYR A 117 -11.92 11.39 -34.52
N ASN A 118 -11.64 11.67 -35.79
CA ASN A 118 -10.85 10.75 -36.62
C ASN A 118 -11.40 9.33 -36.63
N ILE A 119 -12.72 9.19 -36.68
CA ILE A 119 -13.32 7.87 -36.65
C ILE A 119 -12.81 6.93 -37.74
N GLU A 120 -12.59 7.43 -38.96
CA GLU A 120 -12.12 6.57 -40.05
C GLU A 120 -10.70 6.05 -39.79
N ALA A 121 -9.83 6.91 -39.27
CA ALA A 121 -8.47 6.49 -38.97
C ALA A 121 -8.50 5.55 -37.75
N LEU A 122 -9.40 5.81 -36.80
CA LEU A 122 -9.52 5.00 -35.60
C LEU A 122 -9.98 3.58 -35.94
N LEU A 123 -10.82 3.44 -36.96
CA LEU A 123 -11.32 2.12 -37.37
C LEU A 123 -10.19 1.24 -37.87
N ASP A 124 -9.05 1.84 -38.24
CA ASP A 124 -7.90 1.05 -38.69
C ASP A 124 -6.98 0.68 -37.54
N LEU A 125 -7.24 1.23 -36.36
CA LEU A 125 -6.41 0.95 -35.19
C LEU A 125 -7.08 -0.02 -34.23
N VAL A 126 -8.41 -0.10 -34.30
CA VAL A 126 -9.15 -1.00 -33.41
C VAL A 126 -10.33 -1.66 -34.10
N THR A 127 -10.85 -2.67 -33.42
CA THR A 127 -12.04 -3.38 -33.87
C THR A 127 -13.10 -2.99 -32.85
N PHE A 128 -14.13 -2.27 -33.25
CA PHE A 128 -15.14 -1.92 -32.29
C PHE A 128 -16.02 -3.11 -32.01
N VAL A 129 -16.40 -3.27 -30.76
CA VAL A 129 -17.30 -4.33 -30.35
C VAL A 129 -18.50 -3.63 -29.75
N GLY A 130 -19.64 -3.72 -30.43
CA GLY A 130 -20.83 -3.09 -29.92
C GLY A 130 -21.73 -4.04 -29.15
N VAL A 131 -22.27 -3.56 -28.04
CA VAL A 131 -23.17 -4.38 -27.23
C VAL A 131 -24.46 -3.61 -27.01
N ALA A 132 -25.57 -4.34 -27.04
CA ALA A 132 -26.89 -3.75 -26.88
C ALA A 132 -27.12 -3.04 -25.54
N ARG A 133 -27.96 -2.03 -25.59
CA ARG A 133 -28.33 -1.26 -24.42
C ARG A 133 -29.76 -0.77 -24.65
N PRO A 134 -30.64 -0.95 -23.64
CA PRO A 134 -32.05 -0.55 -23.71
C PRO A 134 -32.22 0.93 -24.07
N GLY A 135 -33.05 1.20 -25.06
CA GLY A 135 -33.25 2.58 -25.47
C GLY A 135 -32.33 3.00 -26.60
N TYR A 136 -31.45 2.10 -27.02
CA TYR A 136 -30.51 2.39 -28.09
C TYR A 136 -30.53 1.21 -29.07
N LYS A 137 -30.06 1.43 -30.29
CA LYS A 137 -30.04 0.35 -31.28
C LYS A 137 -28.63 0.22 -31.85
N LEU A 138 -28.24 -1.00 -32.20
CA LEU A 138 -26.92 -1.24 -32.77
C LEU A 138 -26.99 -0.92 -34.25
N ARG A 139 -27.29 0.34 -34.53
CA ARG A 139 -27.42 0.85 -35.88
C ARG A 139 -26.23 1.73 -36.19
N THR A 140 -25.48 1.34 -37.23
CA THR A 140 -24.30 2.11 -37.62
C THR A 140 -23.75 1.71 -38.99
N PRO A 141 -23.13 2.66 -39.71
CA PRO A 141 -22.60 2.31 -41.04
C PRO A 141 -21.19 1.68 -40.92
N TYR A 142 -20.59 1.77 -39.73
CA TYR A 142 -19.24 1.26 -39.53
C TYR A 142 -19.18 -0.25 -39.27
N PRO A 143 -18.05 -0.87 -39.61
CA PRO A 143 -17.83 -2.33 -39.42
C PRO A 143 -17.62 -2.85 -37.99
N ILE A 144 -18.64 -2.72 -37.16
CA ILE A 144 -18.52 -3.19 -35.78
C ILE A 144 -18.79 -4.69 -35.65
N THR A 145 -18.28 -5.25 -34.58
CA THR A 145 -18.52 -6.65 -34.25
C THR A 145 -19.58 -6.57 -33.15
N THR A 146 -20.63 -7.36 -33.26
CA THR A 146 -21.65 -7.34 -32.23
C THR A 146 -21.47 -8.55 -31.34
N VAL A 147 -21.93 -8.41 -30.11
CA VAL A 147 -21.85 -9.47 -29.13
C VAL A 147 -23.16 -9.48 -28.38
N GLU A 148 -23.84 -10.62 -28.41
CA GLU A 148 -25.13 -10.74 -27.73
C GLU A 148 -24.94 -10.89 -26.23
N ILE A 149 -25.57 -10.00 -25.49
CA ILE A 149 -25.47 -10.03 -24.04
C ILE A 149 -26.84 -9.82 -23.41
N PRO A 150 -26.98 -10.15 -22.12
CA PRO A 150 -28.29 -9.93 -21.50
C PRO A 150 -28.38 -8.43 -21.08
N GLU A 151 -29.00 -7.62 -21.93
CA GLU A 151 -29.14 -6.16 -21.73
C GLU A 151 -29.50 -5.69 -20.34
N PHE A 152 -28.93 -4.56 -19.92
CA PHE A 152 -29.18 -3.98 -18.59
C PHE A 152 -29.21 -2.44 -18.77
N ALA A 153 -30.37 -1.82 -18.55
CA ALA A 153 -30.50 -0.38 -18.74
C ALA A 153 -29.94 0.49 -17.61
N VAL A 154 -29.12 -0.06 -16.73
CA VAL A 154 -28.54 0.74 -15.64
C VAL A 154 -27.62 1.82 -16.24
N SER A 155 -27.60 3.01 -15.65
CA SER A 155 -26.72 4.06 -16.14
C SER A 155 -26.24 4.95 -15.01
N SER A 156 -25.08 5.56 -15.20
CA SER A 156 -24.50 6.47 -14.21
C SER A 156 -25.42 7.67 -13.93
N SER A 157 -26.00 8.24 -14.97
CA SER A 157 -26.89 9.38 -14.80
C SER A 157 -28.09 8.98 -13.94
N LEU A 158 -28.61 7.77 -14.16
CA LEU A 158 -29.74 7.32 -13.36
C LEU A 158 -29.28 7.14 -11.93
N LEU A 159 -28.06 6.65 -11.75
CA LEU A 159 -27.50 6.43 -10.41
C LEU A 159 -27.24 7.76 -9.69
N ARG A 160 -26.64 8.71 -10.39
CA ARG A 160 -26.36 10.01 -9.78
C ARG A 160 -27.68 10.63 -9.35
N GLU A 161 -28.69 10.51 -10.20
CA GLU A 161 -30.01 11.05 -9.90
C GLU A 161 -30.65 10.36 -8.71
N ARG A 162 -30.56 9.02 -8.67
CA ARG A 162 -31.13 8.30 -7.54
C ARG A 162 -30.41 8.62 -6.23
N TYR A 163 -29.10 8.80 -6.27
CA TYR A 163 -28.40 9.14 -5.03
C TYR A 163 -28.90 10.51 -4.56
N LYS A 164 -29.05 11.43 -5.50
CA LYS A 164 -29.54 12.76 -5.15
C LYS A 164 -30.93 12.68 -4.54
N GLU A 165 -31.83 11.95 -5.20
CA GLU A 165 -33.21 11.77 -4.73
C GLU A 165 -33.37 10.73 -3.62
N LYS A 166 -32.27 10.19 -3.14
CA LYS A 166 -32.30 9.18 -2.09
C LYS A 166 -33.11 7.94 -2.51
N LYS A 167 -32.99 7.56 -3.78
CA LYS A 167 -33.68 6.37 -4.30
C LYS A 167 -32.77 5.15 -4.33
N THR A 168 -33.37 3.96 -4.32
CA THR A 168 -32.62 2.71 -4.28
C THR A 168 -31.63 2.48 -5.42
N CYS A 169 -30.49 1.91 -5.06
CA CYS A 169 -29.45 1.61 -6.03
C CYS A 169 -29.03 0.14 -5.90
N LYS A 170 -29.82 -0.63 -5.15
CA LYS A 170 -29.53 -2.05 -4.94
C LYS A 170 -29.44 -2.80 -6.27
N TYR A 171 -28.43 -3.66 -6.38
CA TYR A 171 -28.18 -4.49 -7.56
C TYR A 171 -27.60 -3.74 -8.74
N LEU A 172 -27.55 -2.40 -8.67
CA LEU A 172 -27.06 -1.62 -9.80
C LEU A 172 -25.56 -1.35 -9.92
N LEU A 173 -24.83 -1.37 -8.80
CA LEU A 173 -23.38 -1.16 -8.84
C LEU A 173 -22.77 -1.86 -7.62
N PRO A 174 -21.47 -2.19 -7.65
CA PRO A 174 -20.84 -2.87 -6.51
C PRO A 174 -21.00 -2.21 -5.16
N GLU A 175 -21.16 -3.05 -4.14
CA GLU A 175 -21.32 -2.59 -2.77
C GLU A 175 -20.23 -1.63 -2.31
N LYS A 176 -18.99 -1.94 -2.65
CA LYS A 176 -17.85 -1.11 -2.23
C LYS A 176 -17.93 0.27 -2.86
N VAL A 177 -18.41 0.32 -4.09
CA VAL A 177 -18.54 1.60 -4.77
C VAL A 177 -19.63 2.41 -4.07
N GLN A 178 -20.71 1.72 -3.69
CA GLN A 178 -21.82 2.38 -2.99
C GLN A 178 -21.30 2.97 -1.67
N VAL A 179 -20.46 2.22 -0.97
CA VAL A 179 -19.90 2.66 0.31
C VAL A 179 -19.05 3.91 0.11
N TYR A 180 -18.18 3.87 -0.90
CA TYR A 180 -17.31 4.99 -1.23
C TYR A 180 -18.15 6.24 -1.54
N ILE A 181 -19.20 6.08 -2.33
CA ILE A 181 -20.07 7.20 -2.69
C ILE A 181 -20.78 7.85 -1.51
N GLU A 182 -21.40 7.03 -0.66
CA GLU A 182 -22.12 7.53 0.51
C GLU A 182 -21.17 8.19 1.51
N ARG A 183 -20.01 7.56 1.71
CA ARG A 183 -18.99 8.05 2.64
C ARG A 183 -18.49 9.43 2.23
N ASN A 184 -18.21 9.62 0.94
CA ASN A 184 -17.73 10.89 0.42
C ASN A 184 -18.84 11.86 0.04
N GLY A 185 -20.08 11.47 0.28
CA GLY A 185 -21.22 12.31 -0.06
C GLY A 185 -21.39 12.67 -1.53
N LEU A 186 -20.88 11.84 -2.43
CA LEU A 186 -21.02 12.11 -3.86
C LEU A 186 -22.46 12.15 -4.34
N TYR A 187 -22.70 12.87 -5.44
CA TYR A 187 -24.03 12.97 -6.06
C TYR A 187 -25.13 13.36 -5.11
N GLU A 188 -24.73 13.97 -3.99
CA GLU A 188 -25.66 14.41 -2.96
C GLU A 188 -26.10 13.26 -2.07
N SER A 189 -25.22 12.27 -1.94
CA SER A 189 -25.49 11.09 -1.11
C SER A 189 -26.05 11.53 0.24
N MET B 1 -9.62 26.14 2.97
CA MET B 1 -8.83 25.45 1.92
C MET B 1 -8.69 23.97 2.21
N ARG B 2 -8.61 23.18 1.16
CA ARG B 2 -8.43 21.76 1.30
C ARG B 2 -6.94 21.58 1.63
N LYS B 3 -6.64 20.71 2.59
CA LYS B 3 -5.24 20.42 2.92
C LYS B 3 -4.98 19.06 2.27
N ILE B 4 -4.07 19.03 1.29
CA ILE B 4 -3.74 17.80 0.59
C ILE B 4 -2.26 17.46 0.75
N GLY B 5 -1.98 16.20 1.04
CA GLY B 5 -0.60 15.79 1.18
C GLY B 5 -0.12 15.22 -0.12
N ILE B 6 1.17 15.36 -0.38
CA ILE B 6 1.73 14.80 -1.59
C ILE B 6 3.00 14.08 -1.24
N ILE B 7 3.11 12.81 -1.65
CA ILE B 7 4.32 12.10 -1.43
C ILE B 7 4.85 11.76 -2.82
N GLY B 8 5.94 12.40 -3.19
CA GLY B 8 6.49 12.14 -4.49
C GLY B 8 7.52 11.05 -4.40
N GLY B 9 7.81 10.45 -5.54
CA GLY B 9 8.80 9.40 -5.56
C GLY B 9 8.83 8.63 -6.85
N THR B 10 9.76 7.69 -6.90
CA THR B 10 9.94 6.83 -8.03
C THR B 10 9.09 5.57 -7.81
N PHE B 11 8.95 5.16 -6.55
CA PHE B 11 8.14 3.97 -6.18
C PHE B 11 8.57 2.74 -6.98
N ASP B 12 9.84 2.38 -6.80
CA ASP B 12 10.47 1.28 -7.53
C ASP B 12 11.17 0.29 -6.61
N PRO B 13 10.40 -0.49 -5.84
CA PRO B 13 8.96 -0.60 -5.70
C PRO B 13 8.39 0.24 -4.56
N PRO B 14 7.06 0.43 -4.56
CA PRO B 14 6.44 1.20 -3.49
C PRO B 14 6.48 0.19 -2.33
N HIS B 15 6.51 0.68 -1.09
CA HIS B 15 6.60 -0.23 0.06
C HIS B 15 5.93 0.31 1.32
N TYR B 16 6.01 -0.44 2.43
CA TYR B 16 5.35 0.01 3.65
C TYR B 16 5.91 1.30 4.22
N GLY B 17 7.15 1.63 3.89
CA GLY B 17 7.70 2.89 4.37
C GLY B 17 6.84 4.02 3.77
N HIS B 18 6.54 3.92 2.48
CA HIS B 18 5.72 4.97 1.83
C HIS B 18 4.32 5.04 2.41
N LEU B 19 3.69 3.88 2.62
CA LEU B 19 2.34 3.83 3.13
C LEU B 19 2.26 4.33 4.55
N LEU B 20 3.23 3.93 5.38
CA LEU B 20 3.27 4.35 6.77
C LEU B 20 3.41 5.89 6.86
N ILE B 21 4.38 6.46 6.14
CA ILE B 21 4.56 7.90 6.22
C ILE B 21 3.30 8.65 5.73
N ALA B 22 2.69 8.17 4.65
CA ALA B 22 1.49 8.85 4.13
C ALA B 22 0.37 8.78 5.17
N ASN B 23 0.19 7.61 5.80
CA ASN B 23 -0.86 7.48 6.82
C ASN B 23 -0.58 8.33 8.03
N GLU B 24 0.68 8.32 8.50
CA GLU B 24 1.05 9.09 9.68
C GLU B 24 0.78 10.59 9.49
N VAL B 25 1.19 11.12 8.34
CA VAL B 25 0.99 12.55 8.07
C VAL B 25 -0.50 12.87 7.85
N TYR B 26 -1.21 12.02 7.11
CA TYR B 26 -2.63 12.22 6.90
C TYR B 26 -3.35 12.44 8.25
N HIS B 27 -3.06 11.59 9.22
CA HIS B 27 -3.71 11.72 10.53
C HIS B 27 -3.16 12.84 11.39
N ALA B 28 -1.84 12.98 11.43
CA ALA B 28 -1.23 14.01 12.26
C ALA B 28 -1.64 15.44 11.86
N LEU B 29 -1.76 15.68 10.56
CA LEU B 29 -2.08 17.02 10.07
C LEU B 29 -3.52 17.15 9.62
N ASN B 30 -4.32 16.12 9.86
CA ASN B 30 -5.72 16.11 9.47
C ASN B 30 -5.93 16.55 8.00
N LEU B 31 -5.24 15.86 7.09
CA LEU B 31 -5.38 16.13 5.68
C LEU B 31 -6.66 15.53 5.10
N GLU B 32 -7.10 16.09 3.97
CA GLU B 32 -8.27 15.57 3.29
C GLU B 32 -7.90 14.28 2.53
N GLU B 33 -6.65 14.21 2.07
CA GLU B 33 -6.20 13.05 1.28
C GLU B 33 -4.69 13.17 1.09
N VAL B 34 -4.07 12.08 0.67
CA VAL B 34 -2.65 12.12 0.34
C VAL B 34 -2.54 11.62 -1.09
N TRP B 35 -1.86 12.38 -1.94
CA TRP B 35 -1.66 11.96 -3.32
C TRP B 35 -0.26 11.40 -3.50
N PHE B 36 -0.17 10.22 -4.10
CA PHE B 36 1.14 9.62 -4.40
C PHE B 36 1.49 10.15 -5.80
N LEU B 37 2.67 10.77 -5.91
CA LEU B 37 3.11 11.42 -7.16
C LEU B 37 4.33 10.75 -7.77
N PRO B 38 4.12 9.82 -8.71
CA PRO B 38 5.27 9.15 -9.32
C PRO B 38 6.01 9.99 -10.36
N ASN B 39 7.34 9.95 -10.31
N ASN B 39 7.33 10.05 -10.30
CA ASN B 39 8.22 10.67 -11.24
CA ASN B 39 8.04 10.84 -11.29
C ASN B 39 8.21 10.04 -12.64
C ASN B 39 8.18 10.10 -12.62
N GLN B 40 8.36 10.87 -13.68
CA GLN B 40 8.48 10.33 -15.05
C GLN B 40 9.95 9.86 -15.07
N ILE B 41 10.83 10.78 -14.68
CA ILE B 41 12.26 10.53 -14.54
C ILE B 41 12.68 11.22 -13.24
N PRO B 42 13.35 10.50 -12.33
CA PRO B 42 13.76 11.15 -11.08
C PRO B 42 14.76 12.29 -11.31
N PRO B 43 14.55 13.41 -10.62
CA PRO B 43 15.41 14.60 -10.71
C PRO B 43 16.78 14.51 -10.07
N HIS B 44 16.93 13.72 -9.03
CA HIS B 44 18.24 13.60 -8.38
C HIS B 44 18.46 12.21 -7.84
N LYS B 45 18.90 11.31 -8.70
CA LYS B 45 19.13 9.93 -8.33
C LYS B 45 20.33 9.36 -9.06
N GLN B 46 21.09 8.50 -8.38
CA GLN B 46 22.25 7.87 -8.98
C GLN B 46 21.75 7.23 -10.27
N GLY B 47 22.52 7.37 -11.34
CA GLY B 47 22.12 6.80 -12.61
C GLY B 47 21.95 5.28 -12.54
N ARG B 48 20.88 4.79 -13.15
CA ARG B 48 20.58 3.36 -13.19
C ARG B 48 19.36 3.19 -14.10
N ASN B 49 19.14 1.97 -14.60
CA ASN B 49 18.00 1.73 -15.47
C ASN B 49 16.75 1.59 -14.60
N ILE B 50 15.87 2.57 -14.67
CA ILE B 50 14.65 2.57 -13.88
C ILE B 50 13.50 1.78 -14.49
N THR B 51 12.75 1.09 -13.64
CA THR B 51 11.61 0.31 -14.11
C THR B 51 10.65 1.25 -14.86
N SER B 52 10.09 0.75 -15.95
CA SER B 52 9.17 1.53 -16.77
C SER B 52 8.07 2.19 -15.94
N VAL B 53 7.50 3.25 -16.49
CA VAL B 53 6.43 3.97 -15.81
C VAL B 53 5.17 3.11 -15.65
N GLU B 54 4.78 2.38 -16.69
CA GLU B 54 3.57 1.56 -16.59
C GLU B 54 3.63 0.54 -15.46
N SER B 55 4.81 -0.04 -15.26
CA SER B 55 4.98 -1.04 -14.21
C SER B 55 5.00 -0.38 -12.83
N ARG B 56 5.61 0.79 -12.72
CA ARG B 56 5.65 1.47 -11.44
C ARG B 56 4.23 1.90 -11.06
N LEU B 57 3.42 2.25 -12.04
CA LEU B 57 2.05 2.65 -11.77
C LEU B 57 1.24 1.46 -11.29
N GLN B 58 1.39 0.34 -11.98
CA GLN B 58 0.67 -0.87 -11.62
C GLN B 58 0.99 -1.20 -10.18
N MET B 59 2.27 -1.11 -9.82
CA MET B 59 2.67 -1.44 -8.45
C MET B 59 2.08 -0.39 -7.51
N LEU B 60 2.15 0.87 -7.91
CA LEU B 60 1.60 1.94 -7.09
C LEU B 60 0.09 1.73 -6.88
N GLU B 61 -0.61 1.27 -7.92
CA GLU B 61 -2.06 1.03 -7.80
C GLU B 61 -2.34 -0.07 -6.81
N LEU B 62 -1.58 -1.16 -6.92
CA LEU B 62 -1.74 -2.29 -6.01
C LEU B 62 -1.52 -1.85 -4.57
N ALA B 63 -0.51 -1.02 -4.36
CA ALA B 63 -0.21 -0.54 -3.02
C ALA B 63 -1.23 0.43 -2.46
N THR B 64 -1.90 1.18 -3.33
CA THR B 64 -2.85 2.18 -2.86
C THR B 64 -4.36 1.98 -3.17
N GLU B 65 -4.68 1.04 -4.05
CA GLU B 65 -6.08 0.82 -4.44
C GLU B 65 -7.12 0.69 -3.33
N ALA B 66 -6.79 -0.03 -2.26
CA ALA B 66 -7.74 -0.22 -1.16
C ALA B 66 -7.78 0.92 -0.14
N GLU B 67 -6.73 1.73 -0.09
CA GLU B 67 -6.68 2.83 0.86
C GLU B 67 -7.48 4.01 0.31
N GLU B 68 -8.64 4.25 0.89
CA GLU B 68 -9.48 5.35 0.42
C GLU B 68 -8.84 6.73 0.61
N HIS B 69 -7.95 6.88 1.59
CA HIS B 69 -7.31 8.18 1.80
C HIS B 69 -6.15 8.44 0.86
N PHE B 70 -5.76 7.45 0.08
CA PHE B 70 -4.62 7.59 -0.84
C PHE B 70 -5.06 7.53 -2.30
N SER B 71 -4.56 8.49 -3.08
N SER B 71 -4.57 8.48 -3.09
CA SER B 71 -4.88 8.55 -4.50
CA SER B 71 -4.88 8.48 -4.51
C SER B 71 -3.57 8.71 -5.26
C SER B 71 -3.57 8.66 -5.25
N ILE B 72 -3.62 8.56 -6.58
CA ILE B 72 -2.43 8.72 -7.39
C ILE B 72 -2.57 9.97 -8.28
N CYS B 73 -1.55 10.83 -8.26
CA CYS B 73 -1.54 12.04 -9.08
C CYS B 73 -0.54 11.80 -10.22
N LEU B 74 -1.04 11.79 -11.46
CA LEU B 74 -0.19 11.54 -12.62
C LEU B 74 0.35 12.80 -13.32
N GLU B 75 0.35 13.92 -12.61
CA GLU B 75 0.81 15.18 -13.19
C GLU B 75 2.19 15.11 -13.83
N GLU B 76 3.15 14.46 -13.16
CA GLU B 76 4.50 14.39 -13.73
C GLU B 76 4.65 13.50 -14.96
N LEU B 77 3.73 12.58 -15.16
CA LEU B 77 3.80 11.72 -16.33
C LEU B 77 3.30 12.42 -17.59
N SER B 78 2.74 13.62 -17.46
CA SER B 78 2.23 14.35 -18.63
C SER B 78 3.32 15.17 -19.34
N ARG B 79 4.53 15.18 -18.80
CA ARG B 79 5.59 15.93 -19.45
C ARG B 79 6.88 15.16 -19.43
N LYS B 80 7.90 15.63 -20.15
CA LYS B 80 9.17 14.93 -20.08
C LYS B 80 9.75 14.99 -18.66
N GLY B 81 10.63 14.05 -18.35
CA GLY B 81 11.32 14.10 -17.08
C GLY B 81 12.66 14.67 -17.52
N PRO B 82 13.60 14.96 -16.61
CA PRO B 82 13.52 14.80 -15.15
C PRO B 82 12.32 15.58 -14.60
N SER B 83 11.64 14.99 -13.63
CA SER B 83 10.45 15.62 -13.07
C SER B 83 10.80 16.51 -11.88
N TYR B 84 11.11 17.79 -12.15
CA TYR B 84 11.47 18.71 -11.05
C TYR B 84 10.22 19.12 -10.27
N THR B 85 10.31 19.02 -8.94
CA THR B 85 9.18 19.33 -8.08
C THR B 85 8.65 20.74 -8.23
N TYR B 86 9.56 21.69 -8.42
CA TYR B 86 9.11 23.08 -8.61
C TYR B 86 8.16 23.15 -9.81
N ASP B 87 8.55 22.54 -10.92
CA ASP B 87 7.70 22.61 -12.10
C ASP B 87 6.36 21.93 -11.86
N THR B 88 6.37 20.86 -11.07
CA THR B 88 5.15 20.15 -10.79
C THR B 88 4.22 20.97 -9.93
N MET B 89 4.75 21.54 -8.85
CA MET B 89 3.93 22.31 -7.92
C MET B 89 3.52 23.66 -8.50
N LEU B 90 4.31 24.19 -9.42
CA LEU B 90 3.93 25.45 -10.03
C LEU B 90 2.63 25.15 -10.77
N GLN B 91 2.58 23.99 -11.43
CA GLN B 91 1.40 23.56 -12.17
C GLN B 91 0.20 23.20 -11.28
N LEU B 92 0.44 22.45 -10.20
CA LEU B 92 -0.65 22.06 -9.31
C LEU B 92 -1.23 23.21 -8.51
N THR B 93 -0.40 24.14 -8.06
CA THR B 93 -0.93 25.26 -7.28
C THR B 93 -1.83 26.11 -8.17
N LYS B 94 -1.43 26.27 -9.42
CA LYS B 94 -2.25 27.05 -10.35
C LYS B 94 -3.53 26.28 -10.68
N LYS B 95 -3.45 24.95 -10.77
CA LYS B 95 -4.65 24.16 -11.07
C LYS B 95 -5.64 24.05 -9.89
N TYR B 96 -5.11 24.01 -8.67
CA TYR B 96 -5.92 23.92 -7.45
C TYR B 96 -5.60 25.08 -6.52
N PRO B 97 -6.07 26.29 -6.85
CA PRO B 97 -5.80 27.46 -6.01
C PRO B 97 -6.34 27.39 -4.59
N ASP B 98 -7.35 26.56 -4.35
CA ASP B 98 -7.95 26.43 -3.03
C ASP B 98 -7.37 25.26 -2.23
N VAL B 99 -6.16 24.82 -2.60
CA VAL B 99 -5.52 23.71 -1.91
C VAL B 99 -4.19 24.10 -1.30
N GLN B 100 -4.01 23.74 -0.04
CA GLN B 100 -2.78 24.01 0.66
C GLN B 100 -2.02 22.68 0.55
N PHE B 101 -0.93 22.66 -0.22
CA PHE B 101 -0.17 21.42 -0.40
C PHE B 101 0.91 21.14 0.63
N HIS B 102 0.89 19.92 1.14
CA HIS B 102 1.88 19.50 2.13
C HIS B 102 2.72 18.43 1.47
N PHE B 103 3.96 18.79 1.13
CA PHE B 103 4.87 17.89 0.45
C PHE B 103 5.68 17.09 1.46
N ILE B 104 5.41 15.79 1.50
CA ILE B 104 6.01 14.90 2.47
C ILE B 104 7.36 14.34 2.00
N ILE B 105 8.36 14.47 2.85
CA ILE B 105 9.70 13.95 2.56
C ILE B 105 10.26 13.23 3.77
N GLY B 106 10.99 12.15 3.53
CA GLY B 106 11.58 11.45 4.65
C GLY B 106 12.86 12.16 5.03
N GLY B 107 13.51 11.75 6.11
CA GLY B 107 14.75 12.40 6.51
C GLY B 107 15.82 12.50 5.42
N ASP B 108 15.99 11.46 4.61
CA ASP B 108 17.03 11.52 3.57
C ASP B 108 16.83 12.68 2.60
N MET B 109 15.58 13.12 2.42
N MET B 109 15.60 13.14 2.48
CA MET B 109 15.29 14.23 1.52
CA MET B 109 15.38 14.24 1.59
C MET B 109 15.39 15.62 2.19
C MET B 109 15.53 15.60 2.23
N VAL B 110 15.18 15.68 3.51
CA VAL B 110 15.27 16.95 4.23
C VAL B 110 16.70 17.49 4.13
N GLU B 111 17.67 16.59 4.31
CA GLU B 111 19.09 16.95 4.24
C GLU B 111 19.45 17.49 2.86
N TYR B 112 18.84 16.92 1.83
CA TYR B 112 19.11 17.28 0.45
C TYR B 112 18.39 18.55 -0.04
N LEU B 113 17.40 19.05 0.70
CA LEU B 113 16.68 20.24 0.27
C LEU B 113 17.49 21.39 -0.36
N PRO B 114 18.73 21.62 0.11
CA PRO B 114 19.52 22.72 -0.49
C PRO B 114 19.88 22.47 -1.95
N LYS B 115 19.82 21.21 -2.37
CA LYS B 115 20.16 20.86 -3.76
C LYS B 115 18.93 20.72 -4.68
N TRP B 116 17.73 20.94 -4.16
CA TRP B 116 16.53 20.84 -5.00
C TRP B 116 16.42 22.04 -5.93
N TYR B 117 16.03 21.78 -7.16
CA TYR B 117 15.90 22.86 -8.12
C TYR B 117 14.93 23.93 -7.64
N ASN B 118 15.37 25.20 -7.70
CA ASN B 118 14.51 26.32 -7.33
C ASN B 118 13.89 26.17 -5.93
N ILE B 119 14.66 25.66 -4.97
CA ILE B 119 14.14 25.43 -3.61
C ILE B 119 13.57 26.69 -2.97
N GLU B 120 14.20 27.84 -3.22
CA GLU B 120 13.71 29.08 -2.64
C GLU B 120 12.27 29.36 -3.09
N ALA B 121 11.99 29.26 -4.38
CA ALA B 121 10.64 29.54 -4.89
C ALA B 121 9.68 28.41 -4.55
N LEU B 122 10.19 27.20 -4.47
CA LEU B 122 9.34 26.04 -4.18
C LEU B 122 8.75 26.15 -2.75
N LEU B 123 9.51 26.75 -1.84
CA LEU B 123 9.06 26.92 -0.46
C LEU B 123 7.80 27.78 -0.41
N ASP B 124 7.59 28.59 -1.45
CA ASP B 124 6.40 29.45 -1.50
C ASP B 124 5.21 28.74 -2.12
N LEU B 125 5.42 27.53 -2.62
CA LEU B 125 4.35 26.77 -3.25
C LEU B 125 3.82 25.67 -2.35
N VAL B 126 4.68 25.17 -1.47
CA VAL B 126 4.26 24.08 -0.60
C VAL B 126 4.77 24.23 0.82
N THR B 127 4.21 23.41 1.70
CA THR B 127 4.69 23.35 3.07
C THR B 127 5.32 21.96 3.17
N PHE B 128 6.63 21.91 3.37
CA PHE B 128 7.30 20.62 3.48
C PHE B 128 7.00 20.01 4.83
N VAL B 129 6.73 18.71 4.82
CA VAL B 129 6.48 17.98 6.06
C VAL B 129 7.59 16.94 6.12
N GLY B 130 8.49 17.06 7.09
CA GLY B 130 9.57 16.09 7.22
C GLY B 130 9.23 15.02 8.21
N VAL B 131 9.57 13.76 7.88
CA VAL B 131 9.30 12.69 8.79
C VAL B 131 10.62 11.94 8.94
N ALA B 132 10.90 11.49 10.15
CA ALA B 132 12.14 10.80 10.42
C ALA B 132 12.43 9.49 9.63
N ARG B 133 13.71 9.31 9.30
CA ARG B 133 14.15 8.10 8.61
C ARG B 133 15.50 7.72 9.23
N PRO B 134 15.66 6.46 9.64
CA PRO B 134 16.92 6.01 10.26
C PRO B 134 18.18 6.39 9.49
N GLY B 135 19.17 6.93 10.20
CA GLY B 135 20.43 7.31 9.57
C GLY B 135 20.43 8.68 8.92
N TYR B 136 19.32 9.41 9.04
CA TYR B 136 19.24 10.74 8.46
C TYR B 136 18.78 11.76 9.50
N LYS B 137 19.31 12.97 9.38
CA LYS B 137 18.97 14.03 10.31
C LYS B 137 17.78 14.84 9.79
N LEU B 138 16.88 15.22 10.69
CA LEU B 138 15.70 15.99 10.35
C LEU B 138 15.87 17.51 10.58
N ARG B 139 16.84 17.90 11.42
CA ARG B 139 17.08 19.33 11.69
C ARG B 139 17.42 20.07 10.39
N THR B 140 16.96 21.31 10.26
CA THR B 140 17.16 22.07 9.04
C THR B 140 16.89 23.57 9.17
N PRO B 141 17.48 24.40 8.30
CA PRO B 141 17.24 25.83 8.38
C PRO B 141 15.98 26.24 7.62
N TYR B 142 15.36 25.29 6.92
CA TYR B 142 14.14 25.57 6.16
C TYR B 142 12.91 25.43 7.05
N PRO B 143 11.84 26.20 6.75
CA PRO B 143 10.64 26.15 7.56
C PRO B 143 9.76 24.93 7.31
N ILE B 144 10.24 23.74 7.65
CA ILE B 144 9.44 22.56 7.43
C ILE B 144 8.64 22.19 8.68
N THR B 145 7.57 21.43 8.47
CA THR B 145 6.74 20.94 9.56
C THR B 145 7.26 19.53 9.84
N THR B 146 7.39 19.15 11.10
CA THR B 146 7.87 17.81 11.39
C THR B 146 6.76 16.98 12.03
N VAL B 147 6.64 15.74 11.58
CA VAL B 147 5.67 14.82 12.13
C VAL B 147 6.46 13.65 12.72
N GLU B 148 6.20 13.32 13.98
CA GLU B 148 6.92 12.22 14.65
C GLU B 148 6.29 10.89 14.29
N ILE B 149 7.10 9.99 13.74
CA ILE B 149 6.60 8.69 13.35
C ILE B 149 7.45 7.55 13.86
N PRO B 150 6.90 6.33 13.84
CA PRO B 150 7.69 5.18 14.29
C PRO B 150 8.56 4.84 13.07
N GLU B 151 9.76 5.40 13.01
CA GLU B 151 10.72 5.22 11.89
C GLU B 151 10.85 3.77 11.42
N PHE B 152 11.00 3.58 10.11
CA PHE B 152 11.11 2.23 9.55
C PHE B 152 12.18 2.31 8.47
N ALA B 153 13.28 1.58 8.66
CA ALA B 153 14.38 1.65 7.70
C ALA B 153 14.23 0.88 6.38
N VAL B 154 13.01 0.75 5.89
CA VAL B 154 12.81 0.06 4.62
C VAL B 154 13.09 1.02 3.45
N SER B 155 13.74 0.52 2.38
CA SER B 155 14.00 1.36 1.21
C SER B 155 13.78 0.53 -0.05
N SER B 156 13.48 1.20 -1.17
CA SER B 156 13.27 0.51 -2.44
C SER B 156 14.59 -0.14 -2.87
N SER B 157 15.71 0.52 -2.62
CA SER B 157 16.98 -0.04 -3.00
C SER B 157 17.26 -1.32 -2.20
N LEU B 158 16.88 -1.33 -0.92
CA LEU B 158 17.08 -2.49 -0.08
C LEU B 158 16.26 -3.64 -0.62
N LEU B 159 15.02 -3.35 -1.05
CA LEU B 159 14.14 -4.36 -1.59
C LEU B 159 14.61 -4.92 -2.94
N ARG B 160 15.12 -4.03 -3.79
CA ARG B 160 15.62 -4.50 -5.09
C ARG B 160 16.80 -5.48 -4.85
N GLU B 161 17.70 -5.12 -3.93
CA GLU B 161 18.86 -5.96 -3.61
C GLU B 161 18.41 -7.32 -3.05
N ARG B 162 17.41 -7.30 -2.17
CA ARG B 162 16.90 -8.54 -1.59
C ARG B 162 16.26 -9.46 -2.62
N TYR B 163 15.48 -8.90 -3.55
CA TYR B 163 14.85 -9.74 -4.55
C TYR B 163 15.90 -10.36 -5.45
N LYS B 164 17.00 -9.65 -5.65
CA LYS B 164 18.09 -10.14 -6.48
C LYS B 164 18.81 -11.29 -5.76
N GLU B 165 19.01 -11.11 -4.46
CA GLU B 165 19.68 -12.11 -3.63
C GLU B 165 18.71 -13.20 -3.17
N LYS B 166 17.45 -13.10 -3.60
CA LYS B 166 16.41 -14.04 -3.20
C LYS B 166 16.24 -14.09 -1.68
N LYS B 167 16.35 -12.93 -1.04
CA LYS B 167 16.19 -12.82 0.41
C LYS B 167 14.75 -12.47 0.78
N THR B 168 14.38 -12.71 2.03
CA THR B 168 13.02 -12.45 2.44
C THR B 168 12.67 -10.98 2.39
N CYS B 169 11.43 -10.71 1.99
CA CYS B 169 10.90 -9.35 1.91
C CYS B 169 9.61 -9.28 2.71
N LYS B 170 9.34 -10.31 3.50
CA LYS B 170 8.13 -10.33 4.31
C LYS B 170 8.03 -9.13 5.24
N TYR B 171 6.83 -8.55 5.30
CA TYR B 171 6.49 -7.41 6.16
C TYR B 171 7.11 -6.09 5.71
N LEU B 172 7.76 -6.09 4.56
CA LEU B 172 8.42 -4.86 4.09
C LEU B 172 7.62 -4.09 3.04
N LEU B 173 6.78 -4.81 2.28
CA LEU B 173 5.92 -4.19 1.28
C LEU B 173 4.66 -5.04 1.15
N PRO B 174 3.58 -4.46 0.60
CA PRO B 174 2.30 -5.17 0.44
C PRO B 174 2.39 -6.47 -0.35
N GLU B 175 1.64 -7.46 0.13
CA GLU B 175 1.61 -8.78 -0.51
C GLU B 175 1.31 -8.65 -2.00
N LYS B 176 0.32 -7.83 -2.34
CA LYS B 176 -0.09 -7.63 -3.73
C LYS B 176 1.08 -7.14 -4.59
N VAL B 177 1.88 -6.25 -4.03
CA VAL B 177 3.04 -5.73 -4.76
C VAL B 177 4.08 -6.85 -4.90
N GLN B 178 4.24 -7.66 -3.85
CA GLN B 178 5.20 -8.76 -3.92
C GLN B 178 4.79 -9.70 -5.07
N VAL B 179 3.54 -10.17 -5.03
CA VAL B 179 3.03 -11.06 -6.07
C VAL B 179 3.32 -10.49 -7.46
N TYR B 180 3.09 -9.19 -7.64
CA TYR B 180 3.33 -8.57 -8.93
C TYR B 180 4.81 -8.58 -9.34
N ILE B 181 5.69 -8.31 -8.38
CA ILE B 181 7.13 -8.28 -8.64
C ILE B 181 7.63 -9.65 -9.11
N GLU B 182 7.20 -10.70 -8.44
CA GLU B 182 7.63 -12.04 -8.81
C GLU B 182 7.04 -12.47 -10.16
N ARG B 183 5.77 -12.14 -10.40
CA ARG B 183 5.13 -12.49 -11.66
C ARG B 183 5.85 -11.89 -12.87
N ASN B 184 6.46 -10.73 -12.69
CA ASN B 184 7.15 -10.08 -13.79
C ASN B 184 8.68 -10.16 -13.72
N GLY B 185 9.18 -11.00 -12.82
CA GLY B 185 10.62 -11.16 -12.68
C GLY B 185 11.40 -9.88 -12.46
N LEU B 186 10.79 -8.89 -11.81
CA LEU B 186 11.49 -7.65 -11.56
C LEU B 186 12.60 -7.81 -10.52
N TYR B 187 13.62 -6.96 -10.63
CA TYR B 187 14.76 -6.94 -9.72
C TYR B 187 15.38 -8.31 -9.62
N GLU B 188 15.20 -9.08 -10.68
CA GLU B 188 15.69 -10.45 -10.85
C GLU B 188 15.17 -11.43 -9.80
N SER B 189 13.88 -11.34 -9.53
CA SER B 189 13.22 -12.22 -8.59
C SER B 189 12.93 -13.52 -9.34
N MET C 1 23.12 -29.38 13.62
CA MET C 1 22.37 -28.89 14.81
C MET C 1 20.96 -28.42 14.47
N ARG C 2 19.97 -28.89 15.23
CA ARG C 2 18.57 -28.51 15.01
C ARG C 2 18.28 -27.15 15.64
N LYS C 3 18.50 -26.09 14.88
CA LYS C 3 18.33 -24.74 15.36
C LYS C 3 16.89 -24.23 15.43
N ILE C 4 16.48 -23.84 16.63
CA ILE C 4 15.14 -23.32 16.85
C ILE C 4 15.25 -21.93 17.44
N GLY C 5 14.44 -21.01 16.94
CA GLY C 5 14.47 -19.67 17.50
C GLY C 5 13.39 -19.53 18.56
N ILE C 6 13.66 -18.71 19.57
CA ILE C 6 12.69 -18.43 20.60
C ILE C 6 12.67 -16.95 20.82
N ILE C 7 11.52 -16.32 20.63
CA ILE C 7 11.45 -14.89 20.92
C ILE C 7 10.58 -14.79 22.16
N GLY C 8 11.22 -14.47 23.28
CA GLY C 8 10.49 -14.33 24.53
C GLY C 8 9.88 -12.94 24.56
N GLY C 9 8.75 -12.78 25.23
CA GLY C 9 8.16 -11.44 25.27
C GLY C 9 6.93 -11.35 26.14
N THR C 10 6.49 -10.12 26.35
CA THR C 10 5.29 -9.84 27.12
C THR C 10 4.16 -9.76 26.06
N PHE C 11 4.46 -9.19 24.89
CA PHE C 11 3.50 -9.08 23.76
C PHE C 11 2.21 -8.39 24.20
N ASP C 12 2.36 -7.13 24.59
CA ASP C 12 1.24 -6.38 25.15
C ASP C 12 1.10 -5.00 24.52
N PRO C 13 0.70 -4.93 23.24
CA PRO C 13 0.36 -6.05 22.36
C PRO C 13 1.47 -6.53 21.44
N PRO C 14 1.27 -7.69 20.79
CA PRO C 14 2.25 -8.20 19.84
C PRO C 14 2.12 -7.26 18.62
N HIS C 15 3.21 -6.99 17.92
CA HIS C 15 3.10 -6.08 16.77
C HIS C 15 4.02 -6.49 15.63
N TYR C 16 4.10 -5.68 14.58
CA TYR C 16 4.96 -6.05 13.46
C TYR C 16 6.44 -6.10 13.75
N GLY C 17 6.89 -5.36 14.75
CA GLY C 17 8.30 -5.42 15.10
C GLY C 17 8.65 -6.82 15.57
N HIS C 18 7.77 -7.44 16.35
CA HIS C 18 8.02 -8.82 16.86
C HIS C 18 8.06 -9.83 15.70
N LEU C 19 7.11 -9.71 14.77
CA LEU C 19 7.01 -10.61 13.63
C LEU C 19 8.20 -10.40 12.72
N LEU C 20 8.53 -9.12 12.49
CA LEU C 20 9.66 -8.78 11.63
C LEU C 20 10.97 -9.39 12.13
N ILE C 21 11.30 -9.19 13.42
CA ILE C 21 12.56 -9.75 13.90
C ILE C 21 12.55 -11.27 13.92
N ALA C 22 11.39 -11.87 14.17
CA ALA C 22 11.31 -13.33 14.18
C ALA C 22 11.59 -13.84 12.75
N ASN C 23 10.98 -13.20 11.77
CA ASN C 23 11.16 -13.62 10.37
C ASN C 23 12.57 -13.37 9.88
N GLU C 24 13.17 -12.24 10.24
CA GLU C 24 14.52 -11.92 9.78
C GLU C 24 15.53 -12.90 10.33
N VAL C 25 15.35 -13.26 11.59
CA VAL C 25 16.32 -14.18 12.20
C VAL C 25 16.12 -15.59 11.66
N TYR C 26 14.86 -15.98 11.49
CA TYR C 26 14.52 -17.30 10.96
C TYR C 26 15.28 -17.50 9.63
N HIS C 27 15.17 -16.52 8.73
CA HIS C 27 15.87 -16.62 7.43
C HIS C 27 17.39 -16.47 7.49
N ALA C 28 17.86 -15.48 8.25
CA ALA C 28 19.29 -15.20 8.38
C ALA C 28 20.13 -16.32 8.98
N LEU C 29 19.60 -16.98 10.01
CA LEU C 29 20.33 -18.06 10.67
C LEU C 29 19.82 -19.45 10.26
N ASN C 30 18.97 -19.48 9.23
CA ASN C 30 18.40 -20.72 8.71
C ASN C 30 17.80 -21.62 9.80
N LEU C 31 16.94 -21.04 10.62
CA LEU C 31 16.29 -21.78 11.70
C LEU C 31 15.21 -22.71 11.15
N GLU C 32 14.86 -23.71 11.95
CA GLU C 32 13.83 -24.65 11.59
C GLU C 32 12.45 -24.04 11.84
N GLU C 33 12.38 -23.22 12.89
CA GLU C 33 11.13 -22.58 13.26
C GLU C 33 11.41 -21.57 14.37
N VAL C 34 10.40 -20.74 14.69
CA VAL C 34 10.52 -19.78 15.76
C VAL C 34 9.35 -19.90 16.71
N TRP C 35 9.67 -20.07 18.01
CA TRP C 35 8.66 -20.16 19.04
C TRP C 35 8.49 -18.81 19.75
N PHE C 36 7.26 -18.35 19.87
CA PHE C 36 6.96 -17.13 20.58
C PHE C 36 6.67 -17.58 22.01
N LEU C 37 7.42 -17.03 22.97
CA LEU C 37 7.32 -17.41 24.38
C LEU C 37 6.76 -16.31 25.27
N PRO C 38 5.43 -16.29 25.48
CA PRO C 38 4.91 -15.24 26.34
C PRO C 38 5.19 -15.51 27.82
N ASN C 39 5.56 -14.48 28.56
CA ASN C 39 5.82 -14.65 29.99
C ASN C 39 4.57 -14.55 30.85
N GLN C 40 4.67 -15.03 32.09
CA GLN C 40 3.55 -14.95 33.05
C GLN C 40 3.65 -13.54 33.65
N ILE C 41 4.79 -13.25 34.27
CA ILE C 41 5.09 -11.91 34.82
C ILE C 41 6.51 -11.62 34.29
N PRO C 42 6.71 -10.52 33.54
CA PRO C 42 8.04 -10.21 33.02
C PRO C 42 8.93 -9.89 34.23
N PRO C 43 10.09 -10.57 34.35
CA PRO C 43 11.00 -10.36 35.50
C PRO C 43 11.35 -8.92 35.82
N HIS C 44 11.47 -8.12 34.76
CA HIS C 44 11.84 -6.71 34.88
C HIS C 44 10.66 -5.74 34.91
N LYS C 45 9.44 -6.26 34.89
CA LYS C 45 8.25 -5.40 34.91
C LYS C 45 7.29 -5.89 35.98
N GLN C 46 7.84 -6.30 37.13
CA GLN C 46 6.99 -6.81 38.19
C GLN C 46 6.03 -5.77 38.81
N GLY C 47 6.29 -4.49 38.60
CA GLY C 47 5.38 -3.49 39.14
C GLY C 47 4.48 -2.89 38.09
N ARG C 48 4.49 -3.44 36.89
CA ARG C 48 3.68 -2.92 35.78
C ARG C 48 2.29 -3.55 35.69
N ASN C 49 1.31 -2.77 35.25
CA ASN C 49 -0.05 -3.27 35.06
C ASN C 49 -0.09 -3.91 33.67
N ILE C 50 0.01 -5.22 33.62
CA ILE C 50 0.05 -5.92 32.34
C ILE C 50 -1.31 -6.53 31.99
N THR C 51 -1.59 -6.59 30.69
CA THR C 51 -2.83 -7.19 30.19
C THR C 51 -2.82 -8.66 30.61
N SER C 52 -3.99 -9.22 30.87
CA SER C 52 -4.07 -10.61 31.31
C SER C 52 -3.41 -11.61 30.37
N VAL C 53 -2.94 -12.72 30.90
N VAL C 53 -2.98 -12.72 30.94
CA VAL C 53 -2.32 -13.73 30.04
CA VAL C 53 -2.38 -13.81 30.18
C VAL C 53 -3.37 -14.22 29.03
C VAL C 53 -3.36 -14.23 29.07
N GLU C 54 -4.63 -14.37 29.45
CA GLU C 54 -5.64 -14.80 28.50
C GLU C 54 -5.69 -13.91 27.26
N SER C 55 -5.74 -12.60 27.46
CA SER C 55 -5.80 -11.69 26.31
C SER C 55 -4.48 -11.59 25.55
N ARG C 56 -3.35 -11.67 26.24
CA ARG C 56 -2.08 -11.58 25.50
C ARG C 56 -1.95 -12.82 24.63
N LEU C 57 -2.32 -13.98 25.17
CA LEU C 57 -2.25 -15.22 24.42
C LEU C 57 -3.19 -15.14 23.19
N GLN C 58 -4.40 -14.60 23.36
CA GLN C 58 -5.32 -14.46 22.23
C GLN C 58 -4.76 -13.59 21.14
N MET C 59 -4.17 -12.45 21.55
CA MET C 59 -3.56 -11.55 20.58
C MET C 59 -2.38 -12.21 19.90
N LEU C 60 -1.60 -12.97 20.68
CA LEU C 60 -0.41 -13.64 20.11
C LEU C 60 -0.82 -14.69 19.08
N GLU C 61 -1.91 -15.43 19.35
CA GLU C 61 -2.42 -16.41 18.40
C GLU C 61 -2.85 -15.68 17.11
N LEU C 62 -3.57 -14.56 17.25
CA LEU C 62 -4.00 -13.78 16.07
C LEU C 62 -2.79 -13.26 15.28
N ALA C 63 -1.77 -12.80 15.98
CA ALA C 63 -0.59 -12.27 15.32
C ALA C 63 0.26 -13.28 14.57
N THR C 64 0.25 -14.55 15.00
CA THR C 64 1.09 -15.59 14.39
C THR C 64 0.31 -16.61 13.58
N GLU C 65 -1.00 -16.42 13.55
CA GLU C 65 -1.92 -17.32 12.85
C GLU C 65 -1.54 -17.81 11.47
N ALA C 66 -1.22 -16.89 10.57
CA ALA C 66 -0.91 -17.28 9.20
C ALA C 66 0.54 -17.69 8.94
N GLU C 67 1.38 -17.65 9.98
CA GLU C 67 2.79 -17.97 9.84
C GLU C 67 3.13 -19.42 10.15
N GLU C 68 3.37 -20.19 9.10
CA GLU C 68 3.70 -21.61 9.20
C GLU C 68 4.95 -21.90 10.02
N HIS C 69 5.88 -20.94 10.09
CA HIS C 69 7.12 -21.18 10.79
C HIS C 69 7.12 -20.68 12.23
N PHE C 70 6.00 -20.10 12.65
CA PHE C 70 5.87 -19.56 14.00
C PHE C 70 4.91 -20.39 14.81
N SER C 71 5.19 -20.52 16.10
CA SER C 71 4.28 -21.22 16.99
C SER C 71 4.45 -20.61 18.35
N ILE C 72 3.60 -21.02 19.29
CA ILE C 72 3.63 -20.48 20.64
C ILE C 72 4.02 -21.55 21.67
N CYS C 73 4.90 -21.18 22.59
CA CYS C 73 5.38 -22.08 23.62
C CYS C 73 4.77 -21.55 24.91
N LEU C 74 3.98 -22.36 25.60
N LEU C 74 3.97 -22.37 25.59
CA LEU C 74 3.35 -21.92 26.83
CA LEU C 74 3.33 -21.92 26.83
C LEU C 74 4.05 -22.33 28.12
C LEU C 74 4.04 -22.35 28.12
N GLU C 75 5.33 -22.68 28.02
CA GLU C 75 6.08 -23.11 29.19
C GLU C 75 5.99 -22.17 30.40
N GLU C 76 6.04 -20.85 30.17
CA GLU C 76 6.01 -19.93 31.30
C GLU C 76 4.64 -19.67 31.85
N LEU C 77 3.62 -19.88 31.04
CA LEU C 77 2.25 -19.65 31.50
C LEU C 77 1.87 -20.78 32.44
N SER C 78 2.69 -21.83 32.43
N SER C 78 2.69 -21.83 32.43
CA SER C 78 2.49 -23.01 33.26
CA SER C 78 2.49 -23.01 33.26
C SER C 78 2.97 -22.84 34.69
C SER C 78 3.03 -22.88 34.68
N ARG C 79 3.68 -21.75 34.98
CA ARG C 79 4.18 -21.54 36.33
C ARG C 79 3.91 -20.10 36.79
N LYS C 80 3.65 -19.94 38.08
CA LYS C 80 3.34 -18.61 38.61
C LYS C 80 4.57 -17.77 38.96
N GLY C 81 4.34 -16.48 39.14
CA GLY C 81 5.42 -15.56 39.51
C GLY C 81 6.27 -15.10 38.35
N PRO C 82 7.33 -14.31 38.63
CA PRO C 82 8.25 -13.80 37.61
C PRO C 82 8.84 -14.90 36.74
N SER C 83 8.75 -14.71 35.44
CA SER C 83 9.25 -15.70 34.49
C SER C 83 10.73 -15.49 34.14
N TYR C 84 11.63 -15.97 35.00
CA TYR C 84 13.06 -15.82 34.73
C TYR C 84 13.44 -16.74 33.60
N THR C 85 14.07 -16.18 32.57
CA THR C 85 14.43 -16.96 31.39
C THR C 85 15.34 -18.16 31.72
N TYR C 86 16.21 -18.01 32.71
CA TYR C 86 17.11 -19.12 33.06
C TYR C 86 16.32 -20.36 33.43
N ASP C 87 15.30 -20.19 34.25
CA ASP C 87 14.48 -21.32 34.69
C ASP C 87 13.77 -21.94 33.52
N THR C 88 13.29 -21.10 32.60
CA THR C 88 12.60 -21.59 31.41
C THR C 88 13.52 -22.37 30.49
N MET C 89 14.73 -21.86 30.23
CA MET C 89 15.62 -22.56 29.32
C MET C 89 16.19 -23.82 29.95
N LEU C 90 16.27 -23.86 31.28
CA LEU C 90 16.73 -25.08 31.94
C LEU C 90 15.72 -26.16 31.56
N GLN C 91 14.43 -25.82 31.66
CA GLN C 91 13.36 -26.77 31.33
C GLN C 91 13.31 -27.12 29.85
N LEU C 92 13.39 -26.12 29.00
CA LEU C 92 13.31 -26.43 27.57
C LEU C 92 14.50 -27.21 27.03
N THR C 93 15.71 -26.97 27.55
CA THR C 93 16.86 -27.68 27.05
C THR C 93 16.75 -29.15 27.46
N LYS C 94 16.25 -29.41 28.66
CA LYS C 94 16.11 -30.81 29.10
C LYS C 94 15.02 -31.51 28.28
N LYS C 95 13.91 -30.81 28.06
CA LYS C 95 12.77 -31.33 27.31
C LYS C 95 13.00 -31.53 25.80
N TYR C 96 13.88 -30.73 25.20
CA TYR C 96 14.21 -30.84 23.77
C TYR C 96 15.73 -30.89 23.70
N PRO C 97 16.32 -32.04 24.03
CA PRO C 97 17.78 -32.19 24.02
C PRO C 97 18.51 -32.10 22.68
N ASP C 98 17.82 -32.24 21.56
CA ASP C 98 18.54 -32.15 20.28
C ASP C 98 18.39 -30.79 19.60
N VAL C 99 18.18 -29.75 20.41
CA VAL C 99 17.99 -28.42 19.86
C VAL C 99 18.95 -27.36 20.39
N GLN C 100 19.44 -26.49 19.51
CA GLN C 100 20.27 -25.38 19.97
C GLN C 100 19.29 -24.22 19.87
N PHE C 101 18.92 -23.67 21.02
CA PHE C 101 17.97 -22.57 21.06
C PHE C 101 18.68 -21.24 20.82
N HIS C 102 18.09 -20.45 19.93
CA HIS C 102 18.59 -19.12 19.57
C HIS C 102 17.57 -18.15 20.12
N PHE C 103 17.92 -17.49 21.20
CA PHE C 103 17.00 -16.59 21.89
C PHE C 103 17.15 -15.19 21.32
N ILE C 104 16.09 -14.77 20.62
CA ILE C 104 16.02 -13.49 19.93
C ILE C 104 15.65 -12.33 20.84
N ILE C 105 16.49 -11.30 20.85
CA ILE C 105 16.25 -10.13 21.68
C ILE C 105 16.54 -8.84 20.90
N GLY C 106 15.73 -7.81 21.11
CA GLY C 106 15.98 -6.55 20.42
C GLY C 106 17.03 -5.76 21.16
N GLY C 107 17.47 -4.67 20.55
CA GLY C 107 18.54 -3.88 21.14
C GLY C 107 18.32 -3.42 22.56
N ASP C 108 17.09 -3.09 22.92
CA ASP C 108 16.84 -2.67 24.28
C ASP C 108 17.10 -3.80 25.27
N MET C 109 16.82 -5.04 24.88
CA MET C 109 17.10 -6.16 25.77
C MET C 109 18.59 -6.53 25.78
N VAL C 110 19.27 -6.31 24.66
CA VAL C 110 20.72 -6.58 24.64
C VAL C 110 21.33 -5.67 25.72
N GLU C 111 20.90 -4.41 25.77
CA GLU C 111 21.40 -3.46 26.77
C GLU C 111 21.14 -3.89 28.21
N TYR C 112 20.03 -4.60 28.43
CA TYR C 112 19.63 -5.02 29.76
C TYR C 112 20.24 -6.36 30.22
N LEU C 113 20.88 -7.08 29.31
CA LEU C 113 21.44 -8.39 29.66
C LEU C 113 22.19 -8.48 31.01
N PRO C 114 22.99 -7.47 31.38
CA PRO C 114 23.72 -7.56 32.65
C PRO C 114 22.77 -7.73 33.84
N LYS C 115 21.53 -7.32 33.63
CA LYS C 115 20.54 -7.38 34.69
C LYS C 115 19.69 -8.64 34.71
N TRP C 116 19.85 -9.50 33.72
CA TRP C 116 19.05 -10.74 33.69
C TRP C 116 19.53 -11.70 34.79
N TYR C 117 18.58 -12.33 35.44
CA TYR C 117 18.85 -13.28 36.50
C TYR C 117 19.72 -14.41 35.97
N ASN C 118 20.81 -14.72 36.68
CA ASN C 118 21.68 -15.81 36.26
C ASN C 118 22.16 -15.71 34.82
N ILE C 119 22.42 -14.49 34.34
CA ILE C 119 22.86 -14.32 32.97
C ILE C 119 24.05 -15.19 32.60
N GLU C 120 25.04 -15.30 33.50
CA GLU C 120 26.21 -16.12 33.21
C GLU C 120 25.85 -17.56 32.90
N ALA C 121 24.99 -18.17 33.72
CA ALA C 121 24.57 -19.57 33.52
C ALA C 121 23.65 -19.70 32.33
N LEU C 122 22.79 -18.70 32.11
CA LEU C 122 21.88 -18.70 30.96
C LEU C 122 22.64 -18.75 29.64
N LEU C 123 23.80 -18.10 29.58
CA LEU C 123 24.56 -18.11 28.36
C LEU C 123 24.95 -19.53 27.91
N ASP C 124 25.02 -20.47 28.84
CA ASP C 124 25.39 -21.84 28.47
C ASP C 124 24.23 -22.59 27.82
N LEU C 125 23.02 -22.06 27.99
CA LEU C 125 21.80 -22.72 27.50
C LEU C 125 21.21 -22.21 26.21
N VAL C 126 21.61 -21.01 25.79
CA VAL C 126 21.08 -20.44 24.57
C VAL C 126 22.15 -19.66 23.84
N THR C 127 21.90 -19.38 22.58
CA THR C 127 22.77 -18.51 21.81
C THR C 127 21.86 -17.29 21.64
N PHE C 128 22.22 -16.18 22.28
CA PHE C 128 21.40 -14.97 22.13
C PHE C 128 21.62 -14.42 20.73
N VAL C 129 20.53 -13.93 20.13
CA VAL C 129 20.61 -13.33 18.82
C VAL C 129 20.07 -11.92 18.98
N GLY C 130 20.97 -10.93 18.86
CA GLY C 130 20.52 -9.56 19.03
C GLY C 130 20.20 -8.89 17.72
N VAL C 131 19.15 -8.07 17.72
CA VAL C 131 18.75 -7.35 16.51
C VAL C 131 18.60 -5.89 16.92
N ALA C 132 19.07 -5.01 16.05
CA ALA C 132 19.06 -3.59 16.36
C ALA C 132 17.66 -2.99 16.42
N ARG C 133 17.55 -1.97 17.25
CA ARG C 133 16.31 -1.25 17.46
C ARG C 133 16.65 0.24 17.61
N PRO C 134 15.87 1.12 16.95
CA PRO C 134 16.13 2.56 17.04
C PRO C 134 16.24 3.03 18.48
N GLY C 135 17.30 3.75 18.80
CA GLY C 135 17.46 4.28 20.13
C GLY C 135 18.26 3.39 21.06
N TYR C 136 18.65 2.23 20.55
CA TYR C 136 19.45 1.34 21.35
C TYR C 136 20.66 0.92 20.53
N LYS C 137 21.71 0.51 21.20
CA LYS C 137 22.90 0.10 20.48
C LYS C 137 23.21 -1.34 20.78
N LEU C 138 23.66 -2.08 19.77
CA LEU C 138 24.02 -3.47 19.97
C LEU C 138 25.47 -3.45 20.43
N ARG C 139 25.65 -3.33 21.74
CA ARG C 139 26.96 -3.31 22.36
C ARG C 139 26.82 -4.10 23.66
N THR C 140 27.61 -5.16 23.79
CA THR C 140 27.54 -5.99 24.98
C THR C 140 28.87 -6.70 25.18
N PRO C 141 29.16 -7.12 26.42
CA PRO C 141 30.41 -7.83 26.66
C PRO C 141 30.14 -9.34 26.64
N TYR C 142 28.87 -9.71 26.55
CA TYR C 142 28.50 -11.12 26.55
C TYR C 142 28.56 -11.78 25.19
N PRO C 143 28.73 -13.12 25.15
CA PRO C 143 28.77 -13.81 23.87
C PRO C 143 27.40 -13.56 23.25
N ILE C 144 27.36 -13.27 21.95
CA ILE C 144 26.08 -12.99 21.30
C ILE C 144 26.24 -12.97 19.79
N THR C 145 25.16 -13.29 19.08
CA THR C 145 25.16 -13.30 17.62
C THR C 145 24.23 -12.18 17.19
N THR C 146 24.61 -11.40 16.19
CA THR C 146 23.71 -10.33 15.77
C THR C 146 23.24 -10.57 14.34
N VAL C 147 22.07 -10.04 14.01
CA VAL C 147 21.48 -10.17 12.67
C VAL C 147 21.06 -8.76 12.24
N GLU C 148 21.40 -8.40 11.00
CA GLU C 148 21.09 -7.07 10.46
C GLU C 148 19.68 -7.02 9.90
N ILE C 149 18.89 -6.03 10.31
CA ILE C 149 17.51 -5.92 9.83
C ILE C 149 17.12 -4.49 9.50
N PRO C 150 15.99 -4.30 8.80
CA PRO C 150 15.59 -2.92 8.51
C PRO C 150 14.87 -2.52 9.82
N GLU C 151 15.52 -1.72 10.67
CA GLU C 151 14.94 -1.32 11.95
C GLU C 151 13.58 -0.64 11.86
N PHE C 152 12.75 -0.86 12.88
CA PHE C 152 11.37 -0.34 12.91
C PHE C 152 11.18 0.18 14.33
N ALA C 153 10.84 1.46 14.50
CA ALA C 153 10.74 1.98 15.87
C ALA C 153 9.43 1.69 16.59
N VAL C 154 8.60 0.83 16.04
CA VAL C 154 7.33 0.49 16.69
C VAL C 154 7.56 -0.11 18.08
N SER C 155 6.67 0.18 19.03
CA SER C 155 6.80 -0.40 20.39
C SER C 155 5.39 -0.63 20.94
N SER C 156 5.26 -1.56 21.87
CA SER C 156 3.96 -1.82 22.45
C SER C 156 3.52 -0.58 23.24
N SER C 157 4.47 0.07 23.90
CA SER C 157 4.21 1.26 24.69
C SER C 157 3.58 2.36 23.84
N LEU C 158 4.16 2.59 22.66
CA LEU C 158 3.61 3.60 21.76
C LEU C 158 2.19 3.23 21.31
N LEU C 159 1.98 1.95 21.01
CA LEU C 159 0.66 1.48 20.57
C LEU C 159 -0.38 1.62 21.70
N ARG C 160 -0.01 1.24 22.91
CA ARG C 160 -0.97 1.36 24.00
C ARG C 160 -1.39 2.81 24.15
N GLU C 161 -0.44 3.72 24.04
CA GLU C 161 -0.75 5.14 24.20
C GLU C 161 -1.56 5.68 23.02
N ARG C 162 -1.29 5.19 21.81
CA ARG C 162 -2.06 5.65 20.67
C ARG C 162 -3.51 5.20 20.78
N TYR C 163 -3.74 3.97 21.24
CA TYR C 163 -5.11 3.50 21.38
C TYR C 163 -5.83 4.40 22.38
N LYS C 164 -5.16 4.71 23.48
CA LYS C 164 -5.73 5.56 24.51
C LYS C 164 -6.13 6.94 23.98
N GLU C 165 -5.27 7.50 23.13
CA GLU C 165 -5.51 8.81 22.55
C GLU C 165 -6.29 8.78 21.24
N LYS C 166 -6.77 7.61 20.86
CA LYS C 166 -7.53 7.45 19.64
C LYS C 166 -6.74 7.83 18.39
N LYS C 167 -5.44 7.55 18.41
CA LYS C 167 -4.58 7.85 17.26
C LYS C 167 -4.44 6.60 16.39
N THR C 168 -4.09 6.80 15.12
CA THR C 168 -3.94 5.70 14.18
C THR C 168 -2.84 4.71 14.54
N CYS C 169 -3.11 3.43 14.32
CA CYS C 169 -2.13 2.36 14.55
C CYS C 169 -1.91 1.53 13.27
N LYS C 170 -2.40 2.04 12.15
CA LYS C 170 -2.25 1.34 10.88
C LYS C 170 -0.79 1.06 10.53
N TYR C 171 -0.57 -0.13 9.99
CA TYR C 171 0.73 -0.63 9.56
C TYR C 171 1.70 -0.96 10.70
N LEU C 172 1.26 -0.79 11.96
CA LEU C 172 2.14 -1.06 13.10
C LEU C 172 1.97 -2.44 13.73
N LEU C 173 0.78 -3.02 13.58
CA LEU C 173 0.47 -4.36 14.12
C LEU C 173 -0.58 -5.00 13.22
N PRO C 174 -0.66 -6.35 13.22
CA PRO C 174 -1.63 -7.06 12.38
C PRO C 174 -3.07 -6.56 12.55
N GLU C 175 -3.79 -6.42 11.43
CA GLU C 175 -5.17 -5.96 11.49
C GLU C 175 -6.03 -6.77 12.44
N LYS C 176 -5.81 -8.08 12.49
CA LYS C 176 -6.59 -8.93 13.36
C LYS C 176 -6.36 -8.61 14.82
N VAL C 177 -5.14 -8.21 15.16
CA VAL C 177 -4.86 -7.88 16.55
C VAL C 177 -5.57 -6.55 16.87
N GLN C 178 -5.58 -5.63 15.90
CA GLN C 178 -6.24 -4.33 16.08
C GLN C 178 -7.73 -4.54 16.37
N VAL C 179 -8.36 -5.42 15.61
CA VAL C 179 -9.78 -5.71 15.78
C VAL C 179 -10.05 -6.24 17.19
N TYR C 180 -9.20 -7.16 17.64
CA TYR C 180 -9.35 -7.72 18.97
C TYR C 180 -9.23 -6.66 20.04
N ILE C 181 -8.25 -5.78 19.87
CA ILE C 181 -8.02 -4.72 20.82
C ILE C 181 -9.24 -3.80 20.93
N GLU C 182 -9.71 -3.32 19.79
CA GLU C 182 -10.86 -2.43 19.81
C GLU C 182 -12.13 -3.12 20.32
N ARG C 183 -12.34 -4.38 19.93
CA ARG C 183 -13.52 -5.13 20.37
C ARG C 183 -13.56 -5.27 21.89
N ASN C 184 -12.41 -5.51 22.50
CA ASN C 184 -12.31 -5.70 23.95
C ASN C 184 -12.02 -4.43 24.73
N GLY C 185 -11.94 -3.30 24.02
CA GLY C 185 -11.67 -2.03 24.66
C GLY C 185 -10.35 -1.95 25.40
N LEU C 186 -9.34 -2.67 24.91
CA LEU C 186 -8.04 -2.65 25.57
C LEU C 186 -7.33 -1.32 25.34
N TYR C 187 -6.48 -0.95 26.30
CA TYR C 187 -5.66 0.25 26.21
C TYR C 187 -6.42 1.56 26.03
N GLU C 188 -7.58 1.66 26.65
CA GLU C 188 -8.40 2.87 26.55
C GLU C 188 -9.16 2.91 25.23
N SER C 189 -9.20 1.76 24.57
N SER C 189 -9.25 1.74 24.60
CA SER C 189 -9.89 1.57 23.28
CA SER C 189 -9.98 1.48 23.36
C SER C 189 -9.10 2.06 22.09
C SER C 189 -9.14 0.79 22.31
#